data_9EXJ
#
_entry.id   9EXJ
#
_cell.length_a   46.414
_cell.length_b   53.777
_cell.length_c   71.834
_cell.angle_alpha   90.000
_cell.angle_beta   90.000
_cell.angle_gamma   90.000
#
_symmetry.space_group_name_H-M   'P 21 21 21'
#
loop_
_entity.id
_entity.type
_entity.pdbx_description
1 polymer Endoglucanase
2 non-polymer 'SULFATE ION'
3 non-polymer 2-acetamido-2-deoxy-beta-D-glucopyranose
4 non-polymer 'COPPER (II) ION'
5 water water
#
_entity_poly.entity_id   1
_entity_poly.type   'polypeptide(L)'
_entity_poly.pdbx_seq_one_letter_code
;HMKMRQPTPYSDSSLNNSPLAADGSDFPCKLRDNAFVPPSQETIAQIGEVMPLTFTGSATHGGGSCQVSLTTDLKPSKDS
KWMVIKSIEGGCPANVDGNMSGGADVPDPFEFNYTIPAGIEPGKYTLAWTWFNRIGNREMYMNCAPITVTAGSSKRDAAP
VAEKVEVEKRSANFPAMFVANINGCTTKEGVDIRFPDPGDVVEYDGNPSNLQPAGEAAC
;
_entity_poly.pdbx_strand_id   A
#
loop_
_chem_comp.id
_chem_comp.type
_chem_comp.name
_chem_comp.formula
CU non-polymer 'COPPER (II) ION' 'Cu 2'
NAG D-saccharide, beta linking 2-acetamido-2-deoxy-beta-D-glucopyranose 'C8 H15 N O6'
SO4 non-polymer 'SULFATE ION' 'O4 S -2'
#
# COMPACT_ATOMS: atom_id res chain seq x y z
N HIS A 1 7.29 10.12 1.93
CA HIS A 1 8.06 9.63 0.78
C HIS A 1 8.69 8.26 1.02
N MET A 2 8.00 7.23 0.50
CA MET A 2 8.36 5.84 0.72
C MET A 2 7.94 5.06 -0.51
N LYS A 3 8.55 3.89 -0.71
CA LYS A 3 8.08 2.97 -1.74
C LYS A 3 8.13 1.53 -1.25
N MET A 4 7.29 0.71 -1.86
CA MET A 4 7.27 -0.72 -1.57
C MET A 4 8.51 -1.39 -2.18
N ARG A 5 9.18 -2.21 -1.37
CA ARG A 5 10.36 -2.96 -1.79
C ARG A 5 10.04 -4.41 -2.12
N GLN A 6 9.27 -5.07 -1.24
CA GLN A 6 8.71 -6.40 -1.48
C GLN A 6 7.22 -6.35 -1.20
N PRO A 7 6.37 -6.95 -2.05
CA PRO A 7 6.74 -7.56 -3.34
C PRO A 7 7.27 -6.50 -4.33
N THR A 8 8.11 -6.94 -5.25
CA THR A 8 8.79 -6.00 -6.15
C THR A 8 7.77 -5.31 -7.06
N PRO A 9 7.73 -3.98 -7.10
CA PRO A 9 6.72 -3.31 -7.92
C PRO A 9 6.99 -3.41 -9.43
N TYR A 10 5.92 -3.17 -10.19
CA TYR A 10 6.08 -2.89 -11.62
C TYR A 10 7.03 -1.71 -11.82
N SER A 11 7.83 -1.79 -12.88
CA SER A 11 8.57 -0.61 -13.38
C SER A 11 9.35 0.10 -12.26
N ASP A 12 10.07 -0.69 -11.47
CA ASP A 12 10.70 -0.17 -10.26
C ASP A 12 11.71 0.94 -10.57
N SER A 13 12.39 0.84 -11.72
CA SER A 13 13.41 1.81 -12.05
C SER A 13 12.85 3.22 -12.29
N SER A 14 11.58 3.36 -12.64
CA SER A 14 10.96 4.67 -12.83
C SER A 14 9.99 5.03 -11.70
N LEU A 15 9.91 4.20 -10.65
CA LEU A 15 8.97 4.40 -9.57
C LEU A 15 9.63 5.23 -8.48
N ASN A 16 9.09 6.42 -8.22
CA ASN A 16 9.65 7.31 -7.19
C ASN A 16 8.85 7.20 -5.89
N ASN A 17 9.29 7.98 -4.89
N ASN A 17 9.29 7.92 -4.86
CA ASN A 17 8.75 7.96 -3.53
CA ASN A 17 8.63 7.83 -3.57
C ASN A 17 7.53 8.86 -3.36
C ASN A 17 7.59 8.92 -3.32
N SER A 18 7.17 9.64 -4.38
CA SER A 18 6.17 10.68 -4.19
C SER A 18 4.76 10.10 -4.04
N PRO A 19 3.88 10.81 -3.33
CA PRO A 19 2.48 10.36 -3.22
C PRO A 19 1.78 10.50 -4.56
N LEU A 20 0.58 9.92 -4.63
CA LEU A 20 -0.30 10.14 -5.78
C LEU A 20 -0.56 11.63 -5.98
N ALA A 21 -0.78 12.02 -7.24
CA ALA A 21 -1.15 13.40 -7.52
C ALA A 21 -2.43 13.77 -6.79
N ALA A 22 -2.45 14.98 -6.23
CA ALA A 22 -3.57 15.44 -5.41
C ALA A 22 -4.86 15.55 -6.21
N ASP A 23 -4.76 15.64 -7.53
CA ASP A 23 -5.92 15.76 -8.40
C ASP A 23 -6.48 14.42 -8.89
N GLY A 24 -5.90 13.30 -8.47
CA GLY A 24 -6.38 11.98 -8.86
C GLY A 24 -5.90 11.51 -10.22
N SER A 25 -5.10 12.32 -10.91
CA SER A 25 -4.79 12.04 -12.31
C SER A 25 -3.94 10.78 -12.48
N ASP A 26 -3.10 10.43 -11.50
CA ASP A 26 -2.26 9.24 -11.65
C ASP A 26 -2.68 8.07 -10.77
N PHE A 27 -3.89 8.11 -10.18
CA PHE A 27 -4.49 6.93 -9.57
C PHE A 27 -5.09 6.04 -10.66
N PRO A 28 -4.88 4.71 -10.61
CA PRO A 28 -4.11 3.97 -9.61
C PRO A 28 -2.65 3.75 -10.01
N CYS A 29 -1.80 3.46 -9.02
CA CYS A 29 -0.47 2.88 -9.22
C CYS A 29 0.58 3.85 -9.74
N LYS A 30 0.30 5.16 -9.76
CA LYS A 30 1.21 6.20 -10.28
C LYS A 30 1.36 6.06 -11.79
N LEU A 31 0.22 6.20 -12.48
CA LEU A 31 0.18 6.14 -13.93
C LEU A 31 1.24 7.07 -14.53
N ARG A 32 1.92 6.57 -15.56
CA ARG A 32 3.03 7.26 -16.21
C ARG A 32 3.46 6.40 -17.39
N ASP A 33 4.42 6.88 -18.18
N ASP A 33 4.39 6.89 -18.20
CA ASP A 33 4.95 6.11 -19.31
CA ASP A 33 4.79 6.07 -19.33
C ASP A 33 5.50 4.77 -18.81
C ASP A 33 5.47 4.80 -18.85
N ASN A 34 5.07 3.68 -19.46
CA ASN A 34 5.62 2.34 -19.17
C ASN A 34 5.55 2.00 -17.68
N ALA A 35 4.35 2.13 -17.12
CA ALA A 35 4.18 1.97 -15.67
C ALA A 35 4.03 0.53 -15.22
N PHE A 36 3.85 -0.42 -16.15
CA PHE A 36 3.42 -1.75 -15.78
C PHE A 36 4.33 -2.83 -16.37
N VAL A 37 5.64 -2.63 -16.29
CA VAL A 37 6.62 -3.62 -16.73
C VAL A 37 6.92 -4.56 -15.56
N PRO A 38 6.64 -5.85 -15.67
CA PRO A 38 6.88 -6.75 -14.53
C PRO A 38 8.35 -6.83 -14.20
N PRO A 39 8.70 -7.03 -12.93
CA PRO A 39 10.08 -7.41 -12.58
C PRO A 39 10.44 -8.72 -13.26
N SER A 40 11.76 -8.96 -13.32
CA SER A 40 12.26 -10.16 -13.98
C SER A 40 11.76 -11.42 -13.27
N GLN A 41 11.95 -11.52 -11.96
CA GLN A 41 11.56 -12.72 -11.25
C GLN A 41 10.09 -12.68 -10.84
N GLU A 42 9.41 -13.82 -11.00
CA GLU A 42 8.01 -13.94 -10.64
C GLU A 42 7.84 -13.97 -9.13
N THR A 43 6.97 -13.10 -8.59
CA THR A 43 6.58 -13.17 -7.19
C THR A 43 5.44 -14.17 -7.06
N ILE A 44 5.70 -15.25 -6.32
CA ILE A 44 4.77 -16.37 -6.16
C ILE A 44 4.31 -16.39 -4.72
N ALA A 45 2.99 -16.31 -4.51
CA ALA A 45 2.40 -16.37 -3.18
C ALA A 45 1.47 -17.57 -3.12
N GLN A 46 1.80 -18.56 -2.29
CA GLN A 46 0.91 -19.70 -2.08
C GLN A 46 -0.21 -19.30 -1.14
N ILE A 47 -1.42 -19.82 -1.37
CA ILE A 47 -2.51 -19.56 -0.44
C ILE A 47 -2.08 -20.01 0.94
N GLY A 48 -2.25 -19.12 1.92
CA GLY A 48 -1.88 -19.43 3.29
C GLY A 48 -0.44 -19.13 3.66
N GLU A 49 0.42 -18.82 2.69
CA GLU A 49 1.82 -18.52 2.98
C GLU A 49 1.96 -17.09 3.51
N VAL A 50 2.79 -16.92 4.54
CA VAL A 50 3.06 -15.58 5.07
C VAL A 50 4.11 -14.93 4.17
N MET A 51 3.71 -13.86 3.47
CA MET A 51 4.53 -13.15 2.50
C MET A 51 5.08 -11.85 3.11
N PRO A 52 6.29 -11.44 2.72
CA PRO A 52 6.85 -10.18 3.23
C PRO A 52 6.27 -8.96 2.53
N LEU A 53 6.04 -7.91 3.34
CA LEU A 53 5.71 -6.57 2.87
C LEU A 53 6.74 -5.62 3.49
N THR A 54 7.64 -5.10 2.66
CA THR A 54 8.73 -4.26 3.14
C THR A 54 8.85 -3.01 2.28
N PHE A 55 9.56 -2.01 2.83
CA PHE A 55 9.59 -0.67 2.27
C PHE A 55 11.00 -0.09 2.18
N THR A 56 11.13 0.94 1.34
CA THR A 56 12.35 1.71 1.17
C THR A 56 12.04 3.18 1.42
N GLY A 57 12.93 3.86 2.14
CA GLY A 57 12.76 5.27 2.42
C GLY A 57 12.80 5.59 3.89
N SER A 58 13.09 6.86 4.21
CA SER A 58 13.19 7.32 5.58
C SER A 58 12.11 8.33 5.97
N ALA A 59 11.39 8.90 4.99
CA ALA A 59 10.35 9.90 5.27
C ALA A 59 9.03 9.20 5.58
N THR A 60 8.97 8.66 6.80
CA THR A 60 7.88 7.82 7.28
C THR A 60 6.67 8.60 7.78
N HIS A 61 6.79 9.93 7.95
CA HIS A 61 5.66 10.81 8.25
C HIS A 61 4.86 10.33 9.47
N GLY A 62 5.55 9.86 10.50
CA GLY A 62 4.88 9.41 11.70
C GLY A 62 4.06 8.16 11.54
N GLY A 63 4.25 7.44 10.43
CA GLY A 63 3.49 6.22 10.19
C GLY A 63 2.16 6.51 9.53
N GLY A 64 1.10 5.93 10.08
CA GLY A 64 -0.22 5.98 9.48
C GLY A 64 -0.83 4.60 9.30
N SER A 65 -1.66 4.45 8.27
CA SER A 65 -2.43 3.23 8.03
C SER A 65 -2.32 2.83 6.57
N CYS A 66 -2.36 1.51 6.32
CA CYS A 66 -2.13 0.95 4.99
C CYS A 66 -3.15 -0.13 4.68
N GLN A 67 -3.35 -0.39 3.39
CA GLN A 67 -4.05 -1.59 2.93
C GLN A 67 -3.20 -2.34 1.92
N VAL A 68 -3.47 -3.65 1.85
CA VAL A 68 -2.98 -4.54 0.79
C VAL A 68 -4.22 -5.02 0.05
N SER A 69 -4.26 -4.79 -1.28
CA SER A 69 -5.43 -5.10 -2.10
C SER A 69 -5.02 -5.80 -3.39
N LEU A 70 -5.96 -6.58 -3.96
CA LEU A 70 -5.70 -7.31 -5.20
C LEU A 70 -6.74 -6.94 -6.25
N THR A 71 -6.29 -6.90 -7.51
CA THR A 71 -7.19 -6.83 -8.67
C THR A 71 -6.74 -7.85 -9.72
N THR A 72 -7.70 -8.36 -10.51
CA THR A 72 -7.35 -9.22 -11.63
C THR A 72 -6.73 -8.43 -12.80
N ASP A 73 -6.91 -7.11 -12.84
CA ASP A 73 -6.33 -6.32 -13.92
C ASP A 73 -4.80 -6.30 -13.79
N LEU A 74 -4.10 -6.60 -14.90
CA LEU A 74 -2.64 -6.57 -14.90
C LEU A 74 -2.09 -5.22 -15.34
N LYS A 75 -2.93 -4.37 -15.92
CA LYS A 75 -2.61 -2.96 -16.15
C LYS A 75 -3.77 -2.17 -15.56
N PRO A 76 -3.75 -1.91 -14.24
CA PRO A 76 -4.91 -1.30 -13.58
C PRO A 76 -5.23 0.09 -14.10
N SER A 77 -6.50 0.46 -13.97
CA SER A 77 -6.99 1.76 -14.36
C SER A 77 -8.02 2.21 -13.33
N LYS A 78 -8.62 3.38 -13.57
CA LYS A 78 -9.63 3.86 -12.64
C LYS A 78 -10.82 2.91 -12.54
N ASP A 79 -11.06 2.10 -13.57
N ASP A 79 -11.05 2.10 -13.57
CA ASP A 79 -12.19 1.16 -13.53
CA ASP A 79 -12.17 1.15 -13.56
C ASP A 79 -11.85 -0.17 -12.87
C ASP A 79 -11.89 -0.09 -12.72
N SER A 80 -10.62 -0.38 -12.41
CA SER A 80 -10.28 -1.66 -11.79
C SER A 80 -10.98 -1.85 -10.46
N LYS A 81 -11.47 -3.09 -10.23
CA LYS A 81 -12.10 -3.48 -8.98
C LYS A 81 -11.03 -4.10 -8.07
N TRP A 82 -10.93 -3.58 -6.84
CA TRP A 82 -9.93 -4.04 -5.88
C TRP A 82 -10.60 -4.81 -4.73
N MET A 83 -9.86 -5.78 -4.20
CA MET A 83 -10.30 -6.61 -3.07
C MET A 83 -9.27 -6.45 -1.95
N VAL A 84 -9.69 -5.89 -0.81
CA VAL A 84 -8.76 -5.70 0.31
C VAL A 84 -8.56 -7.04 1.01
N ILE A 85 -7.29 -7.44 1.14
CA ILE A 85 -6.95 -8.64 1.90
C ILE A 85 -6.29 -8.37 3.24
N LYS A 86 -5.82 -7.15 3.49
CA LYS A 86 -5.31 -6.79 4.82
C LYS A 86 -5.42 -5.28 5.03
N SER A 87 -5.80 -4.87 6.25
CA SER A 87 -5.72 -3.48 6.68
C SER A 87 -4.78 -3.38 7.87
N ILE A 88 -3.88 -2.41 7.85
CA ILE A 88 -2.99 -2.10 8.97
C ILE A 88 -3.34 -0.71 9.47
N GLU A 89 -3.86 -0.63 10.70
CA GLU A 89 -4.34 0.63 11.25
C GLU A 89 -3.36 1.10 12.31
N GLY A 90 -2.55 2.08 11.97
CA GLY A 90 -1.49 2.57 12.84
C GLY A 90 -0.18 1.83 12.64
N GLY A 91 0.93 2.57 12.69
CA GLY A 91 2.26 1.99 12.70
C GLY A 91 2.75 1.53 11.34
N CYS A 92 2.12 1.97 10.26
CA CYS A 92 2.53 1.60 8.90
C CYS A 92 2.89 2.86 8.13
N PRO A 93 4.07 2.95 7.51
CA PRO A 93 5.10 1.91 7.39
C PRO A 93 6.16 1.90 8.49
N ALA A 94 5.88 2.59 9.60
CA ALA A 94 6.79 2.61 10.75
C ALA A 94 6.02 3.11 11.96
N ASN A 95 6.43 2.66 13.15
CA ASN A 95 5.87 3.19 14.39
C ASN A 95 6.91 4.10 15.07
N VAL A 96 7.02 5.31 14.54
CA VAL A 96 7.79 6.41 15.11
C VAL A 96 6.94 7.68 15.02
N ASP A 97 7.35 8.69 15.79
CA ASP A 97 6.62 9.96 15.82
C ASP A 97 6.70 10.69 14.49
N GLY A 98 7.83 10.58 13.79
CA GLY A 98 8.10 11.41 12.65
C GLY A 98 8.82 10.66 11.56
N ASN A 99 9.99 11.15 11.15
CA ASN A 99 10.78 10.52 10.10
C ASN A 99 11.93 9.72 10.72
N MET A 100 12.60 8.93 9.88
CA MET A 100 13.68 8.05 10.31
C MET A 100 14.98 8.52 9.68
N SER A 101 16.08 7.83 10.02
CA SER A 101 17.37 8.16 9.45
C SER A 101 17.57 7.44 8.12
N GLY A 102 18.42 8.01 7.25
CA GLY A 102 19.01 7.25 6.15
C GLY A 102 18.74 7.70 4.71
N GLY A 103 17.99 8.75 4.40
CA GLY A 103 17.79 9.13 3.01
C GLY A 103 16.76 8.28 2.26
N ALA A 104 16.67 8.54 0.96
CA ALA A 104 15.53 8.07 0.15
C ALA A 104 15.57 6.58 -0.16
N ASP A 105 16.74 5.94 -0.08
CA ASP A 105 16.90 4.57 -0.53
C ASP A 105 17.10 3.57 0.61
N VAL A 106 17.01 4.01 1.86
CA VAL A 106 17.34 3.13 2.99
C VAL A 106 16.27 2.06 3.14
N PRO A 107 16.65 0.81 3.42
CA PRO A 107 15.64 -0.19 3.81
C PRO A 107 14.99 0.18 5.13
N ASP A 108 13.67 0.23 5.13
CA ASP A 108 12.91 0.57 6.33
C ASP A 108 13.04 -0.60 7.30
N PRO A 109 13.54 -0.39 8.53
CA PRO A 109 13.70 -1.51 9.46
C PRO A 109 12.40 -2.17 9.91
N PHE A 110 11.28 -1.43 9.91
CA PHE A 110 9.98 -2.01 10.25
C PHE A 110 9.47 -2.80 9.06
N GLU A 111 9.25 -4.10 9.26
CA GLU A 111 8.78 -5.01 8.23
C GLU A 111 7.38 -5.52 8.57
N PHE A 112 6.64 -5.92 7.54
CA PHE A 112 5.25 -6.30 7.65
C PHE A 112 5.03 -7.58 6.85
N ASN A 113 3.79 -8.06 6.81
CA ASN A 113 3.46 -9.27 6.07
C ASN A 113 2.01 -9.23 5.60
N TYR A 114 1.68 -10.15 4.69
CA TYR A 114 0.31 -10.41 4.27
C TYR A 114 0.21 -11.89 3.91
N THR A 115 -1.02 -12.41 3.96
CA THR A 115 -1.31 -13.79 3.54
C THR A 115 -2.46 -13.78 2.54
N ILE A 116 -2.31 -14.51 1.43
CA ILE A 116 -3.43 -14.67 0.51
C ILE A 116 -4.45 -15.58 1.18
N PRO A 117 -5.68 -15.11 1.40
CA PRO A 117 -6.70 -15.91 2.09
C PRO A 117 -7.37 -16.92 1.16
N ALA A 118 -8.12 -17.83 1.79
CA ALA A 118 -8.67 -19.00 1.09
C ALA A 118 -9.65 -18.61 -0.02
N GLY A 119 -10.32 -17.47 0.10
CA GLY A 119 -11.29 -17.05 -0.90
C GLY A 119 -10.74 -16.42 -2.18
N ILE A 120 -9.42 -16.41 -2.36
CA ILE A 120 -8.81 -15.86 -3.58
C ILE A 120 -8.37 -17.03 -4.44
N GLU A 121 -8.85 -17.07 -5.68
CA GLU A 121 -8.54 -18.15 -6.60
C GLU A 121 -7.10 -18.06 -7.09
N PRO A 122 -6.42 -19.19 -7.29
CA PRO A 122 -5.10 -19.16 -7.97
C PRO A 122 -5.21 -18.46 -9.32
N GLY A 123 -4.18 -17.67 -9.63
CA GLY A 123 -4.15 -16.91 -10.86
C GLY A 123 -3.22 -15.72 -10.72
N LYS A 124 -3.20 -14.90 -11.77
CA LYS A 124 -2.36 -13.70 -11.74
C LYS A 124 -3.16 -12.48 -11.29
N TYR A 125 -2.51 -11.64 -10.47
CA TYR A 125 -3.14 -10.43 -9.95
C TYR A 125 -2.13 -9.30 -9.95
N THR A 126 -2.65 -8.07 -9.80
CA THR A 126 -1.88 -6.94 -9.30
C THR A 126 -2.18 -6.73 -7.82
N LEU A 127 -1.12 -6.60 -7.02
CA LEU A 127 -1.23 -6.25 -5.61
C LEU A 127 -0.89 -4.76 -5.44
N ALA A 128 -1.72 -4.04 -4.70
CA ALA A 128 -1.46 -2.64 -4.37
C ALA A 128 -1.23 -2.49 -2.88
N TRP A 129 -0.15 -1.78 -2.55
CA TRP A 129 0.04 -1.15 -1.25
C TRP A 129 -0.44 0.29 -1.32
N THR A 130 -1.34 0.65 -0.38
CA THR A 130 -1.79 2.02 -0.21
C THR A 130 -1.46 2.48 1.21
N TRP A 131 -1.15 3.77 1.35
CA TRP A 131 -0.71 4.36 2.61
C TRP A 131 -1.22 5.78 2.79
N PHE A 132 -1.79 6.04 3.96
CA PHE A 132 -2.30 7.35 4.37
C PHE A 132 -1.40 7.84 5.51
N ASN A 133 -0.53 8.80 5.19
CA ASN A 133 0.48 9.27 6.13
C ASN A 133 -0.12 10.02 7.31
N ARG A 134 0.45 9.81 8.50
CA ARG A 134 -0.11 10.39 9.72
C ARG A 134 0.17 11.90 9.80
N ILE A 135 1.42 12.30 9.58
CA ILE A 135 1.89 13.68 9.71
C ILE A 135 2.14 14.27 8.33
N GLY A 136 1.90 15.58 8.20
CA GLY A 136 2.17 16.30 6.98
C GLY A 136 0.92 16.57 6.17
N ASN A 137 1.13 16.98 4.92
CA ASN A 137 0.03 17.20 3.99
C ASN A 137 -0.81 15.93 3.87
N ARG A 138 -2.09 16.11 3.56
CA ARG A 138 -3.03 14.98 3.45
C ARG A 138 -2.80 14.31 2.09
N GLU A 139 -2.14 13.16 2.09
N GLU A 139 -2.21 13.12 2.11
CA GLU A 139 -1.71 12.49 0.87
CA GLU A 139 -1.75 12.45 0.90
C GLU A 139 -2.20 11.03 0.88
C GLU A 139 -2.22 11.00 0.89
N MET A 140 -2.12 10.40 -0.29
CA MET A 140 -2.31 8.96 -0.45
C MET A 140 -1.15 8.44 -1.28
N TYR A 141 -0.42 7.47 -0.74
CA TYR A 141 0.68 6.82 -1.44
C TYR A 141 0.18 5.47 -1.97
N MET A 142 0.74 5.03 -3.10
CA MET A 142 0.28 3.80 -3.74
C MET A 142 1.33 3.24 -4.69
N ASN A 143 1.71 1.96 -4.49
CA ASN A 143 2.55 1.24 -5.45
C ASN A 143 1.90 -0.10 -5.76
N CYS A 144 2.18 -0.60 -6.96
CA CYS A 144 1.54 -1.81 -7.45
C CYS A 144 2.59 -2.80 -7.95
N ALA A 145 2.31 -4.09 -7.73
CA ALA A 145 3.20 -5.20 -8.08
C ALA A 145 2.43 -6.38 -8.66
N PRO A 146 2.99 -7.05 -9.67
CA PRO A 146 2.36 -8.30 -10.15
C PRO A 146 2.68 -9.43 -9.19
N ILE A 147 1.68 -10.27 -8.89
CA ILE A 147 1.89 -11.49 -8.11
C ILE A 147 1.15 -12.64 -8.76
N THR A 148 1.69 -13.85 -8.60
CA THR A 148 1.01 -15.08 -8.98
C THR A 148 0.60 -15.82 -7.73
N VAL A 149 -0.70 -16.07 -7.59
CA VAL A 149 -1.22 -16.86 -6.47
C VAL A 149 -1.31 -18.31 -6.92
N THR A 150 -0.73 -19.21 -6.12
CA THR A 150 -0.77 -20.65 -6.39
C THR A 150 -1.41 -21.38 -5.21
N ALA A 151 -1.83 -22.63 -5.47
CA ALA A 151 -2.68 -23.38 -4.54
C ALA A 151 -1.93 -23.79 -3.27
N GLY A 152 -0.66 -24.12 -3.37
CA GLY A 152 0.08 -24.63 -2.24
C GLY A 152 -0.47 -25.93 -1.68
N PHE A 174 -14.79 -9.49 -0.25
CA PHE A 174 -13.72 -8.65 0.29
C PHE A 174 -14.12 -7.19 0.08
N PRO A 175 -13.73 -6.30 1.00
CA PRO A 175 -14.09 -4.88 0.85
C PRO A 175 -13.38 -4.26 -0.34
N ALA A 176 -13.98 -3.19 -0.86
CA ALA A 176 -13.28 -2.37 -1.84
C ALA A 176 -12.21 -1.53 -1.16
N MET A 177 -11.17 -1.21 -1.92
N MET A 177 -11.17 -1.21 -1.92
CA MET A 177 -10.06 -0.41 -1.42
CA MET A 177 -10.05 -0.42 -1.41
C MET A 177 -10.55 0.97 -0.99
C MET A 177 -10.52 0.98 -1.00
N PHE A 178 -10.04 1.44 0.15
CA PHE A 178 -10.33 2.80 0.61
C PHE A 178 -9.51 3.81 -0.17
N VAL A 179 -10.16 4.87 -0.65
CA VAL A 179 -9.51 5.92 -1.42
C VAL A 179 -9.81 7.26 -0.76
N ALA A 180 -8.78 8.07 -0.54
CA ALA A 180 -8.94 9.38 0.08
C ALA A 180 -7.80 10.29 -0.36
N ASN A 181 -7.99 11.59 -0.12
CA ASN A 181 -6.97 12.63 -0.32
C ASN A 181 -6.61 12.87 -1.78
N ILE A 182 -7.42 12.38 -2.71
CA ILE A 182 -7.18 12.61 -4.14
C ILE A 182 -8.40 13.14 -4.86
N GLY A 184 -13.11 14.30 -2.48
CA GLY A 184 -13.69 14.96 -1.32
C GLY A 184 -13.39 14.32 0.02
N CYS A 185 -13.15 13.01 0.03
CA CYS A 185 -12.80 12.33 1.28
C CYS A 185 -11.37 12.74 1.66
N THR A 186 -11.23 13.46 2.78
CA THR A 186 -9.95 14.00 3.23
C THR A 186 -9.72 13.60 4.69
N THR A 187 -8.53 13.05 4.99
CA THR A 187 -8.24 12.58 6.34
C THR A 187 -7.76 13.71 7.24
N LYS A 188 -7.75 13.45 8.55
CA LYS A 188 -7.35 14.42 9.56
C LYS A 188 -5.88 14.24 9.90
N GLU A 189 -5.10 15.33 9.89
CA GLU A 189 -3.69 15.26 10.25
C GLU A 189 -3.50 14.81 11.68
N GLY A 190 -2.50 13.95 11.87
CA GLY A 190 -2.10 13.52 13.19
C GLY A 190 -2.66 12.17 13.62
N VAL A 191 -3.65 11.64 12.91
CA VAL A 191 -4.29 10.40 13.36
C VAL A 191 -3.91 9.25 12.44
N ASP A 192 -3.85 8.06 13.05
CA ASP A 192 -3.82 6.80 12.33
C ASP A 192 -5.26 6.44 11.99
N ILE A 193 -5.61 6.46 10.70
CA ILE A 193 -7.02 6.28 10.35
C ILE A 193 -7.46 4.83 10.54
N ARG A 194 -8.74 4.66 10.84
CA ARG A 194 -9.39 3.36 10.86
C ARG A 194 -10.35 3.34 9.67
N PHE A 195 -10.14 2.38 8.77
CA PHE A 195 -10.91 2.34 7.53
C PHE A 195 -12.37 2.00 7.83
N PRO A 196 -13.31 2.57 7.06
CA PRO A 196 -14.73 2.25 7.31
C PRO A 196 -15.05 0.76 7.18
N ASP A 197 -14.41 0.07 6.22
CA ASP A 197 -14.69 -1.33 5.94
C ASP A 197 -13.34 -2.02 5.77
N PRO A 198 -12.63 -2.28 6.88
CA PRO A 198 -11.24 -2.77 6.77
C PRO A 198 -11.14 -4.24 6.44
N GLY A 199 -12.24 -5.02 6.53
CA GLY A 199 -12.20 -6.46 6.29
C GLY A 199 -12.00 -7.25 7.57
N ASP A 200 -11.83 -8.56 7.40
CA ASP A 200 -11.69 -9.50 8.51
C ASP A 200 -10.25 -9.73 8.95
N VAL A 201 -9.26 -9.09 8.31
CA VAL A 201 -7.86 -9.20 8.70
C VAL A 201 -7.36 -7.79 8.95
N VAL A 202 -7.36 -7.38 10.22
CA VAL A 202 -6.99 -6.03 10.65
C VAL A 202 -5.93 -6.13 11.73
N GLU A 203 -4.87 -5.33 11.60
CA GLU A 203 -3.73 -5.34 12.48
C GLU A 203 -3.47 -3.92 12.94
N TYR A 204 -3.14 -3.76 14.24
CA TYR A 204 -2.89 -2.45 14.84
C TYR A 204 -1.43 -2.41 15.29
N ASP A 205 -0.61 -1.62 14.58
CA ASP A 205 0.84 -1.64 14.78
C ASP A 205 1.38 -0.33 15.33
N GLY A 206 0.51 0.57 15.77
CA GLY A 206 0.95 1.89 16.17
C GLY A 206 0.67 2.21 17.62
N ASN A 207 0.77 3.49 17.95
CA ASN A 207 0.58 3.95 19.31
C ASN A 207 -0.90 4.19 19.56
N PRO A 208 -1.47 3.63 20.63
CA PRO A 208 -2.90 3.86 20.91
C PRO A 208 -3.31 5.33 20.94
N SER A 209 -2.43 6.24 21.37
CA SER A 209 -2.82 7.64 21.46
C SER A 209 -3.06 8.29 20.10
N ASN A 210 -2.56 7.69 19.00
CA ASN A 210 -2.76 8.29 17.69
C ASN A 210 -3.91 7.66 16.90
N LEU A 211 -4.49 6.57 17.39
CA LEU A 211 -5.52 5.88 16.65
C LEU A 211 -6.79 6.72 16.63
N GLN A 212 -7.38 6.85 15.44
CA GLN A 212 -8.60 7.61 15.20
C GLN A 212 -9.62 7.33 16.30
N PRO A 213 -10.11 8.37 17.02
CA PRO A 213 -11.13 8.18 18.06
C PRO A 213 -12.39 7.50 17.52
N ALA A 218 -13.39 8.27 9.14
CA ALA A 218 -12.06 8.51 8.58
C ALA A 218 -12.03 9.75 7.70
N CYS A 219 -13.17 10.09 7.11
CA CYS A 219 -13.32 11.34 6.37
C CYS A 219 -14.77 11.77 6.30
S SO4 B . -8.13 8.75 -16.54
O1 SO4 B . -7.54 9.42 -17.68
O2 SO4 B . -7.06 8.32 -15.63
O3 SO4 B . -8.91 7.59 -17.00
O4 SO4 B . -9.03 9.68 -15.86
C1 NAG C . 3.04 -10.34 10.63
C2 NAG C . 3.44 -11.40 11.67
C3 NAG C . 2.76 -11.11 13.00
C4 NAG C . 2.99 -9.68 13.45
C5 NAG C . 2.61 -8.70 12.34
C6 NAG C . 2.95 -7.26 12.66
C7 NAG C . 4.05 -13.71 11.08
C8 NAG C . 5.48 -13.33 11.36
N2 NAG C . 3.14 -12.74 11.21
O3 NAG C . 3.22 -12.02 14.01
O4 NAG C . 2.19 -9.41 14.60
O5 NAG C . 3.34 -9.03 11.14
O6 NAG C . 4.32 -7.12 13.02
O7 NAG C . 3.75 -14.85 10.73
CU CU D . 6.77 12.24 2.00
#